data_4L5F
#
_entry.id   4L5F
#
_cell.length_a   82.6610
_cell.length_b   91.8230
_cell.length_c   92.5990
_cell.angle_alpha   90.000
_cell.angle_beta   90.000
_cell.angle_gamma   90.000
#
_symmetry.space_group_name_H-M   'P 21 21 21'
#
loop_
_entity.id
_entity.type
_entity.pdbx_description
1 polymer 'Heavy chain of E106 antibody (VH and CH1 of IgG2c)'
2 polymer 'Envelope protein'
3 polymer 'Light chain of E106 antibody (kappa)'
4 water water
#
loop_
_entity_poly.entity_id
_entity_poly.type
_entity_poly.pdbx_seq_one_letter_code
_entity_poly.pdbx_strand_id
1 'polypeptide(L)'
;EVQLQQSGPELVKPGASVKISCKASGYSFIGYYIHWVKQSPEKSLEWIGEINPRTGDTTYNQKFKAKATLTVDKSSSTAY
MQLTSLTSEDSAVYYCTKRINWALDYWGQGTTLTVSSAKTTAPSVYPLAPVCGGTTGSSVTLGCLVKGYFPEPVTLTWNS
GSLSSGVHTFPALLQSGLYTLSSSVTVTSNTWPSQTITCNVAHPASSTKVDKKIESRR
;
H
2 'polypeptide(L)'
;MASMTLKGMSYVMCTGSFKLEKEVAETQHGTVLVQVKYEGTDAPCKIPFSTQDEKGATQNGRLITANPIVTDKEKPVNIE
AEPPFGESYIVVGAGEKALKLSWFKKGSSIG
;
E
3 'polypeptide(L)'
;ETTVTQSPASLSVATGEKVTIRCITSTDIDDDMNWYQQKPGERPKLLISEGNTLRPGVPSRFSSSGYGTDFVFTIENTLS
EDVADYFCLQSDNLPLTFGSGTKLEIKRADAAPTVSIFPPSSEQLTSGGASVVCFLNNFYPKDINVKWKIDGSERQNGVL
NSWTDQDSKDSTYSMSSTLTLTKDEYERHNSYTCEATHKTSTSPIVKSFNRNE
;
L
#
# COMPACT_ATOMS: atom_id res chain seq x y z
N GLU A 1 14.52 10.91 -9.12
CA GLU A 1 14.34 10.76 -7.69
C GLU A 1 14.68 9.34 -7.24
N VAL A 2 14.57 9.08 -5.94
CA VAL A 2 14.81 7.75 -5.41
C VAL A 2 13.73 6.77 -5.89
N GLN A 3 14.15 5.58 -6.30
CA GLN A 3 13.22 4.58 -6.80
C GLN A 3 13.69 3.16 -6.49
N LEU A 4 12.73 2.32 -6.09
CA LEU A 4 12.94 0.89 -5.91
C LEU A 4 11.95 0.16 -6.80
N GLN A 5 12.47 -0.48 -7.84
CA GLN A 5 11.63 -1.20 -8.80
C GLN A 5 11.73 -2.69 -8.56
N GLN A 6 10.61 -3.32 -8.20
CA GLN A 6 10.60 -4.74 -7.93
C GLN A 6 10.25 -5.57 -9.18
N SER A 7 10.53 -6.86 -9.12
CA SER A 7 10.24 -7.75 -10.23
C SER A 7 8.77 -8.12 -10.25
N GLY A 8 8.29 -8.61 -11.39
CA GLY A 8 6.88 -8.88 -11.59
C GLY A 8 6.31 -10.02 -10.76
N PRO A 9 5.00 -10.25 -10.89
CA PRO A 9 4.27 -11.30 -10.17
C PRO A 9 4.83 -12.70 -10.41
N GLU A 10 4.75 -13.55 -9.41
CA GLU A 10 5.24 -14.93 -9.50
C GLU A 10 4.13 -15.94 -9.17
N LEU A 11 3.97 -16.93 -10.03
CA LEU A 11 3.14 -18.09 -9.72
C LEU A 11 4.05 -19.30 -9.57
N VAL A 12 4.18 -19.77 -8.34
CA VAL A 12 5.10 -20.87 -8.04
C VAL A 12 4.33 -22.02 -7.41
N LYS A 13 4.76 -23.25 -7.71
CA LYS A 13 4.17 -24.43 -7.11
C LYS A 13 4.57 -24.58 -5.65
N PRO A 14 3.71 -25.23 -4.84
CA PRO A 14 4.04 -25.51 -3.44
C PRO A 14 5.28 -26.39 -3.32
N GLY A 15 6.21 -25.98 -2.47
CA GLY A 15 7.41 -26.76 -2.22
C GLY A 15 8.63 -26.18 -2.88
N ALA A 16 8.40 -25.35 -3.90
CA ALA A 16 9.49 -24.77 -4.69
C ALA A 16 10.00 -23.47 -4.07
N SER A 17 10.92 -22.82 -4.77
CA SER A 17 11.50 -21.57 -4.29
C SER A 17 11.23 -20.44 -5.26
N VAL A 18 11.45 -19.21 -4.78
CA VAL A 18 11.28 -18.04 -5.63
C VAL A 18 12.29 -16.97 -5.22
N LYS A 19 12.63 -16.08 -6.15
CA LYS A 19 13.60 -15.03 -5.87
C LYS A 19 13.15 -13.69 -6.45
N ILE A 20 12.70 -12.79 -5.57
CA ILE A 20 12.24 -11.46 -5.96
C ILE A 20 13.42 -10.49 -5.97
N SER A 21 13.45 -9.61 -6.97
CA SER A 21 14.50 -8.61 -7.06
C SER A 21 13.97 -7.22 -6.77
N CYS A 22 14.88 -6.29 -6.54
CA CYS A 22 14.56 -4.92 -6.15
C CYS A 22 15.70 -4.01 -6.61
N LYS A 23 15.52 -3.37 -7.75
CA LYS A 23 16.55 -2.52 -8.32
C LYS A 23 16.42 -1.10 -7.79
N ALA A 24 17.51 -0.60 -7.22
CA ALA A 24 17.53 0.74 -6.66
C ALA A 24 18.13 1.73 -7.65
N SER A 25 17.64 2.96 -7.62
CA SER A 25 18.25 4.04 -8.38
C SER A 25 17.92 5.40 -7.77
N GLY A 26 18.70 6.42 -8.11
CA GLY A 26 18.46 7.77 -7.63
C GLY A 26 19.21 8.14 -6.37
N TYR A 27 20.05 7.23 -5.87
CA TYR A 27 20.80 7.46 -4.65
C TYR A 27 21.90 6.43 -4.49
N SER A 28 22.81 6.67 -3.55
CA SER A 28 23.87 5.72 -3.24
C SER A 28 23.32 4.44 -2.61
N PHE A 29 23.13 3.43 -3.44
CA PHE A 29 22.68 2.10 -3.02
C PHE A 29 23.47 1.58 -1.81
N ILE A 30 24.77 1.79 -1.84
CA ILE A 30 25.68 1.36 -0.80
C ILE A 30 25.36 1.99 0.57
N GLY A 31 24.75 3.17 0.53
CA GLY A 31 24.64 4.00 1.72
C GLY A 31 23.50 3.71 2.66
N TYR A 32 22.56 2.84 2.26
CA TYR A 32 21.35 2.64 3.04
C TYR A 32 20.91 1.18 3.11
N TYR A 33 20.44 0.76 4.27
CA TYR A 33 19.90 -0.58 4.46
C TYR A 33 18.66 -0.84 3.60
N ILE A 34 18.55 -2.06 3.08
CA ILE A 34 17.33 -2.46 2.40
C ILE A 34 16.56 -3.41 3.30
N HIS A 35 15.27 -3.13 3.51
CA HIS A 35 14.44 -4.00 4.33
C HIS A 35 13.35 -4.66 3.49
N TRP A 36 12.91 -5.85 3.88
CA TRP A 36 11.83 -6.52 3.17
C TRP A 36 10.62 -6.72 4.08
N VAL A 37 9.44 -6.48 3.52
CA VAL A 37 8.19 -6.53 4.28
C VAL A 37 7.18 -7.44 3.59
N LYS A 38 6.51 -8.28 4.36
CA LYS A 38 5.45 -9.12 3.82
C LYS A 38 4.08 -8.56 4.18
N GLN A 39 3.18 -8.50 3.20
CA GLN A 39 1.80 -8.11 3.44
C GLN A 39 0.86 -9.23 3.06
N SER A 40 0.24 -9.83 4.08
CA SER A 40 -0.66 -10.96 3.89
C SER A 40 -1.95 -10.53 3.24
N PRO A 41 -2.68 -11.49 2.64
CA PRO A 41 -4.02 -11.25 2.09
C PRO A 41 -4.96 -10.55 3.07
N GLU A 42 -4.73 -10.71 4.37
CA GLU A 42 -5.54 -10.01 5.37
C GLU A 42 -4.97 -8.62 5.71
N LYS A 43 -4.01 -8.18 4.89
CA LYS A 43 -3.43 -6.82 4.96
C LYS A 43 -2.49 -6.56 6.14
N SER A 44 -2.08 -7.62 6.83
CA SER A 44 -1.17 -7.48 7.96
C SER A 44 0.28 -7.44 7.51
N LEU A 45 1.02 -6.47 8.03
CA LEU A 45 2.41 -6.26 7.65
C LEU A 45 3.38 -6.91 8.63
N GLU A 46 4.27 -7.75 8.11
CA GLU A 46 5.34 -8.34 8.92
C GLU A 46 6.69 -7.95 8.33
N TRP A 47 7.64 -7.64 9.21
CA TRP A 47 9.01 -7.35 8.81
C TRP A 47 9.77 -8.67 8.62
N ILE A 48 10.43 -8.80 7.48
CA ILE A 48 11.15 -10.03 7.16
C ILE A 48 12.63 -9.95 7.56
N GLY A 49 13.29 -8.88 7.15
CA GLY A 49 14.70 -8.72 7.47
C GLY A 49 15.32 -7.53 6.76
N GLU A 50 16.62 -7.35 6.98
CA GLU A 50 17.37 -6.23 6.44
C GLU A 50 18.72 -6.70 5.92
N ILE A 51 19.25 -5.96 4.95
CA ILE A 51 20.59 -6.20 4.44
C ILE A 51 21.35 -4.89 4.25
N ASN A 52 22.63 -4.92 4.62
CA ASN A 52 23.58 -3.84 4.37
C ASN A 52 24.19 -4.03 2.98
N PRO A 53 23.82 -3.16 2.02
CA PRO A 53 24.32 -3.32 0.66
C PRO A 53 25.81 -3.06 0.52
N ARG A 54 26.43 -2.46 1.53
CA ARG A 54 27.87 -2.20 1.51
C ARG A 54 28.68 -3.43 1.89
N THR A 55 28.20 -4.18 2.88
CA THR A 55 28.96 -5.33 3.38
C THR A 55 28.26 -6.66 3.15
N GLY A 56 26.95 -6.62 2.92
CA GLY A 56 26.18 -7.84 2.74
C GLY A 56 25.67 -8.42 4.04
N ASP A 57 25.99 -7.77 5.16
CA ASP A 57 25.50 -8.17 6.46
C ASP A 57 23.98 -8.17 6.46
N THR A 58 23.39 -9.16 7.12
CA THR A 58 21.94 -9.27 7.17
C THR A 58 21.47 -9.47 8.60
N THR A 59 20.25 -9.03 8.89
CA THR A 59 19.58 -9.41 10.13
C THR A 59 18.15 -9.84 9.79
N TYR A 60 17.73 -10.98 10.31
CA TYR A 60 16.41 -11.51 10.01
C TYR A 60 15.45 -11.47 11.19
N ASN A 61 14.16 -11.43 10.87
CA ASN A 61 13.11 -11.68 11.84
C ASN A 61 13.15 -13.18 12.11
N GLN A 62 13.15 -13.57 13.38
CA GLN A 62 13.20 -14.98 13.73
C GLN A 62 12.09 -15.78 13.03
N LYS A 63 10.96 -15.12 12.79
CA LYS A 63 9.82 -15.76 12.15
C LYS A 63 10.08 -16.11 10.68
N PHE A 64 11.06 -15.47 10.07
CA PHE A 64 11.35 -15.70 8.66
C PHE A 64 12.74 -16.29 8.43
N LYS A 65 13.43 -16.62 9.52
CA LYS A 65 14.84 -17.00 9.48
C LYS A 65 15.13 -18.24 8.63
N ALA A 66 14.18 -19.18 8.61
CA ALA A 66 14.38 -20.44 7.89
C ALA A 66 13.76 -20.44 6.49
N LYS A 67 13.11 -19.34 6.13
CA LYS A 67 12.40 -19.25 4.87
C LYS A 67 13.02 -18.23 3.91
N ALA A 68 13.56 -17.14 4.48
CA ALA A 68 14.02 -16.03 3.66
C ALA A 68 15.54 -15.93 3.61
N THR A 69 16.06 -15.46 2.48
CA THR A 69 17.48 -15.19 2.34
C THR A 69 17.69 -13.90 1.55
N LEU A 70 18.36 -12.92 2.14
CA LEU A 70 18.56 -11.64 1.47
C LEU A 70 19.98 -11.53 0.90
N THR A 71 20.07 -11.05 -0.34
CA THR A 71 21.38 -10.83 -0.97
C THR A 71 21.41 -9.49 -1.68
N VAL A 72 22.60 -9.07 -2.12
CA VAL A 72 22.71 -7.85 -2.92
C VAL A 72 23.72 -8.00 -4.03
N ASP A 73 23.65 -7.08 -4.99
CA ASP A 73 24.58 -6.99 -6.10
C ASP A 73 24.86 -5.52 -6.32
N LYS A 74 26.06 -5.08 -5.90
CA LYS A 74 26.46 -3.69 -6.01
C LYS A 74 26.51 -3.25 -7.46
N SER A 75 26.87 -4.17 -8.35
CA SER A 75 27.05 -3.86 -9.76
C SER A 75 25.74 -3.39 -10.41
N SER A 76 24.69 -4.18 -10.24
CA SER A 76 23.39 -3.82 -10.80
C SER A 76 22.53 -3.05 -9.80
N SER A 77 23.14 -2.67 -8.68
CA SER A 77 22.43 -2.01 -7.57
C SER A 77 21.12 -2.72 -7.25
N THR A 78 21.17 -4.04 -7.12
CA THR A 78 19.95 -4.81 -6.94
C THR A 78 19.96 -5.65 -5.66
N ALA A 79 18.91 -5.52 -4.85
CA ALA A 79 18.73 -6.37 -3.68
C ALA A 79 17.80 -7.53 -4.03
N TYR A 80 18.04 -8.70 -3.45
CA TYR A 80 17.26 -9.88 -3.74
C TYR A 80 16.76 -10.52 -2.45
N MET A 81 15.60 -11.18 -2.56
CA MET A 81 15.08 -12.00 -1.49
C MET A 81 14.65 -13.35 -2.04
N GLN A 82 15.12 -14.42 -1.40
CA GLN A 82 14.73 -15.75 -1.81
C GLN A 82 13.87 -16.42 -0.75
N LEU A 83 12.75 -16.96 -1.18
CA LEU A 83 11.85 -17.69 -0.30
C LEU A 83 11.81 -19.16 -0.73
N THR A 84 12.18 -20.05 0.18
CA THR A 84 12.21 -21.47 -0.12
C THR A 84 11.03 -22.19 0.56
N SER A 85 10.87 -23.48 0.24
CA SER A 85 9.83 -24.32 0.85
C SER A 85 8.46 -23.63 0.87
N LEU A 86 8.01 -23.20 -0.30
CA LEU A 86 6.81 -22.37 -0.39
C LEU A 86 5.50 -23.12 -0.17
N THR A 87 4.63 -22.52 0.63
CA THR A 87 3.27 -23.02 0.85
C THR A 87 2.31 -21.88 0.54
N SER A 88 1.01 -22.15 0.64
CA SER A 88 0.00 -21.13 0.39
C SER A 88 0.06 -20.03 1.44
N GLU A 89 0.73 -20.32 2.56
CA GLU A 89 0.90 -19.34 3.62
C GLU A 89 1.87 -18.26 3.18
N ASP A 90 2.61 -18.54 2.11
CA ASP A 90 3.61 -17.61 1.61
C ASP A 90 3.02 -16.67 0.54
N SER A 91 1.82 -17.00 0.07
CA SER A 91 1.12 -16.15 -0.87
C SER A 91 0.77 -14.82 -0.23
N ALA A 92 1.28 -13.74 -0.82
CA ALA A 92 1.19 -12.40 -0.25
C ALA A 92 1.84 -11.38 -1.19
N VAL A 93 1.86 -10.12 -0.76
CA VAL A 93 2.54 -9.09 -1.52
C VAL A 93 3.81 -8.68 -0.79
N TYR A 94 4.96 -8.80 -1.47
CA TYR A 94 6.24 -8.53 -0.84
C TYR A 94 6.83 -7.20 -1.29
N TYR A 95 7.22 -6.39 -0.32
CA TYR A 95 7.74 -5.05 -0.58
C TYR A 95 9.20 -4.99 -0.18
N CYS A 96 9.95 -4.14 -0.86
CA CYS A 96 11.29 -3.78 -0.40
C CYS A 96 11.26 -2.31 -0.07
N THR A 97 12.13 -1.89 0.85
CA THR A 97 12.10 -0.52 1.34
C THR A 97 13.51 -0.07 1.65
N LYS A 98 13.68 1.25 1.75
CA LYS A 98 14.94 1.85 2.11
C LYS A 98 14.78 2.41 3.52
N ARG A 99 15.65 2.05 4.44
CA ARG A 99 15.56 2.65 5.77
C ARG A 99 16.36 3.94 5.83
N ILE A 100 15.66 5.03 6.08
CA ILE A 100 16.28 6.34 6.16
C ILE A 100 15.48 7.18 7.16
N ASN A 101 16.18 8.00 7.93
CA ASN A 101 15.60 8.66 9.11
C ASN A 101 14.96 7.66 10.07
N TRP A 102 15.56 6.48 10.14
CA TRP A 102 15.12 5.40 11.04
C TRP A 102 13.74 4.83 10.70
N ALA A 103 13.15 5.29 9.60
CA ALA A 103 11.87 4.75 9.16
C ALA A 103 12.04 4.03 7.82
N LEU A 104 11.15 3.07 7.56
CA LEU A 104 11.09 2.42 6.26
C LEU A 104 10.37 3.34 5.28
N ASP A 105 11.05 3.70 4.20
CA ASP A 105 10.57 4.70 3.27
C ASP A 105 10.88 4.26 1.83
N TYR A 106 10.36 5.03 0.86
CA TYR A 106 10.56 4.77 -0.56
C TYR A 106 10.29 3.33 -0.94
N TRP A 107 9.13 2.82 -0.52
CA TRP A 107 8.75 1.44 -0.78
C TRP A 107 8.67 1.17 -2.29
N GLY A 108 9.05 -0.04 -2.68
CA GLY A 108 8.83 -0.50 -4.04
C GLY A 108 7.34 -0.67 -4.30
N GLN A 109 6.99 -1.08 -5.51
CA GLN A 109 5.57 -1.17 -5.86
C GLN A 109 4.98 -2.49 -5.38
N GLY A 110 5.84 -3.40 -4.96
CA GLY A 110 5.37 -4.68 -4.45
C GLY A 110 5.36 -5.77 -5.50
N THR A 111 5.52 -7.01 -5.04
CA THR A 111 5.53 -8.16 -5.92
C THR A 111 4.51 -9.15 -5.38
N THR A 112 3.53 -9.51 -6.20
CA THR A 112 2.52 -10.47 -5.78
C THR A 112 3.01 -11.90 -6.02
N LEU A 113 3.10 -12.67 -4.94
CA LEU A 113 3.50 -14.06 -5.04
C LEU A 113 2.31 -14.97 -4.76
N THR A 114 2.02 -15.84 -5.71
CA THR A 114 0.93 -16.79 -5.58
C THR A 114 1.50 -18.20 -5.53
N VAL A 115 1.27 -18.89 -4.42
CA VAL A 115 1.72 -20.27 -4.27
C VAL A 115 0.57 -21.23 -4.49
N SER A 116 0.53 -21.81 -5.68
CA SER A 116 -0.58 -22.67 -6.08
C SER A 116 -0.08 -23.64 -7.13
N SER A 117 -0.78 -24.76 -7.29
CA SER A 117 -0.42 -25.73 -8.31
C SER A 117 -1.20 -25.48 -9.60
N ALA A 118 -2.13 -24.53 -9.56
CA ALA A 118 -2.95 -24.20 -10.72
C ALA A 118 -2.12 -23.58 -11.85
N LYS A 119 -2.62 -23.71 -13.07
CA LYS A 119 -1.95 -23.18 -14.25
C LYS A 119 -2.06 -21.66 -14.35
N THR A 120 -1.22 -21.07 -15.18
CA THR A 120 -1.36 -19.69 -15.57
C THR A 120 -2.41 -19.64 -16.68
N THR A 121 -3.47 -18.88 -16.47
CA THR A 121 -4.55 -18.76 -17.44
C THR A 121 -4.72 -17.30 -17.85
N ALA A 122 -4.63 -17.04 -19.16
CA ALA A 122 -4.85 -15.70 -19.68
C ALA A 122 -6.32 -15.31 -19.61
N PRO A 123 -6.60 -14.02 -19.37
CA PRO A 123 -7.99 -13.56 -19.29
C PRO A 123 -8.66 -13.42 -20.66
N SER A 124 -9.99 -13.50 -20.66
CA SER A 124 -10.77 -13.18 -21.85
C SER A 124 -11.41 -11.82 -21.59
N VAL A 125 -11.17 -10.88 -22.49
CA VAL A 125 -11.65 -9.51 -22.32
C VAL A 125 -12.87 -9.25 -23.18
N TYR A 126 -13.99 -8.94 -22.53
CA TYR A 126 -15.27 -8.78 -23.21
C TYR A 126 -15.81 -7.36 -23.06
N PRO A 127 -16.23 -6.75 -24.18
CA PRO A 127 -16.81 -5.41 -24.12
C PRO A 127 -18.23 -5.45 -23.59
N LEU A 128 -18.60 -4.46 -22.78
CA LEU A 128 -19.96 -4.37 -22.28
C LEU A 128 -20.61 -3.09 -22.79
N ALA A 129 -21.43 -3.24 -23.82
CA ALA A 129 -22.13 -2.12 -24.43
C ALA A 129 -23.59 -2.18 -23.99
N PRO A 130 -24.29 -1.03 -24.02
CA PRO A 130 -25.67 -0.95 -23.54
C PRO A 130 -26.64 -1.80 -24.37
N VAL A 131 -27.83 -1.99 -23.82
CA VAL A 131 -28.86 -2.80 -24.45
C VAL A 131 -29.16 -2.34 -25.88
N CYS A 132 -29.59 -3.28 -26.71
CA CYS A 132 -29.76 -3.07 -28.15
C CYS A 132 -30.69 -1.90 -28.48
N GLY A 133 -31.58 -1.56 -27.56
CA GLY A 133 -32.58 -0.54 -27.82
C GLY A 133 -32.47 0.72 -26.98
N GLY A 134 -32.60 1.87 -27.64
CA GLY A 134 -32.67 3.15 -26.96
C GLY A 134 -31.44 3.59 -26.19
N THR A 135 -31.51 3.45 -24.87
CA THR A 135 -30.48 3.93 -23.95
C THR A 135 -30.26 5.44 -24.11
N THR A 136 -31.29 6.22 -23.77
CA THR A 136 -31.22 7.68 -23.93
C THR A 136 -31.31 8.42 -22.60
N GLY A 137 -30.16 8.87 -22.10
CA GLY A 137 -30.09 9.73 -20.93
C GLY A 137 -29.08 10.82 -21.17
N SER A 138 -28.83 11.66 -20.16
CA SER A 138 -27.82 12.70 -20.28
C SER A 138 -26.41 12.10 -20.33
N SER A 139 -26.26 10.90 -19.77
CA SER A 139 -24.99 10.19 -19.81
C SER A 139 -25.17 8.75 -20.26
N VAL A 140 -24.09 7.98 -20.21
CA VAL A 140 -24.08 6.59 -20.64
C VAL A 140 -22.96 5.80 -19.96
N THR A 141 -23.28 4.57 -19.57
CA THR A 141 -22.35 3.72 -18.87
C THR A 141 -21.92 2.54 -19.73
N LEU A 142 -20.63 2.45 -19.99
CA LEU A 142 -20.06 1.30 -20.69
C LEU A 142 -19.32 0.45 -19.67
N GLY A 143 -18.90 -0.74 -20.09
CA GLY A 143 -18.18 -1.64 -19.21
C GLY A 143 -17.20 -2.54 -19.91
N CYS A 144 -16.42 -3.26 -19.12
CA CYS A 144 -15.39 -4.17 -19.62
C CYS A 144 -15.26 -5.32 -18.63
N LEU A 145 -15.47 -6.53 -19.12
CA LEU A 145 -15.43 -7.72 -18.28
C LEU A 145 -14.19 -8.58 -18.55
N VAL A 146 -13.29 -8.64 -17.56
CA VAL A 146 -12.07 -9.41 -17.64
C VAL A 146 -12.25 -10.76 -16.93
N LYS A 147 -12.53 -11.80 -17.71
CA LYS A 147 -12.99 -13.07 -17.14
C LYS A 147 -11.99 -14.20 -17.21
N GLY A 148 -11.89 -14.97 -16.12
CA GLY A 148 -11.15 -16.22 -16.09
C GLY A 148 -9.65 -16.17 -16.24
N TYR A 149 -8.97 -15.52 -15.30
CA TYR A 149 -7.51 -15.48 -15.34
C TYR A 149 -6.85 -15.96 -14.04
N PHE A 150 -5.57 -16.28 -14.12
CA PHE A 150 -4.80 -16.74 -12.99
C PHE A 150 -3.31 -16.70 -13.32
N PRO A 151 -2.49 -16.16 -12.40
CA PRO A 151 -2.94 -15.59 -11.12
C PRO A 151 -3.15 -14.08 -11.22
N GLU A 152 -3.29 -13.46 -10.05
CA GLU A 152 -3.31 -12.01 -9.95
C GLU A 152 -1.90 -11.45 -10.14
N PRO A 153 -1.77 -10.17 -10.54
CA PRO A 153 -2.85 -9.22 -10.82
C PRO A 153 -3.10 -8.96 -12.30
N VAL A 154 -4.22 -8.28 -12.60
CA VAL A 154 -4.41 -7.64 -13.89
C VAL A 154 -4.50 -6.14 -13.67
N THR A 155 -4.04 -5.37 -14.66
CA THR A 155 -4.27 -3.93 -14.65
C THR A 155 -5.28 -3.54 -15.71
N LEU A 156 -6.11 -2.55 -15.41
CA LEU A 156 -7.12 -2.08 -16.36
C LEU A 156 -7.17 -0.56 -16.40
N THR A 157 -7.10 -0.01 -17.60
CA THR A 157 -7.29 1.43 -17.79
C THR A 157 -8.32 1.70 -18.87
N TRP A 158 -8.74 2.95 -18.98
CA TRP A 158 -9.65 3.37 -20.04
C TRP A 158 -9.01 4.42 -20.91
N ASN A 159 -8.95 4.18 -22.22
CA ASN A 159 -8.27 5.05 -23.17
C ASN A 159 -6.84 5.36 -22.76
N SER A 160 -6.09 4.29 -22.44
CA SER A 160 -4.69 4.40 -22.04
C SER A 160 -4.50 5.20 -20.75
N GLY A 161 -5.57 5.38 -20.00
CA GLY A 161 -5.50 6.08 -18.73
C GLY A 161 -5.87 7.55 -18.81
N SER A 162 -6.13 8.05 -20.01
CA SER A 162 -6.53 9.45 -20.17
C SER A 162 -7.97 9.67 -19.73
N LEU A 163 -8.72 8.58 -19.64
CA LEU A 163 -10.09 8.62 -19.14
C LEU A 163 -10.16 7.92 -17.79
N SER A 164 -10.06 8.68 -16.71
CA SER A 164 -10.03 8.13 -15.36
C SER A 164 -11.23 8.60 -14.54
N SER A 165 -11.76 9.77 -14.86
CA SER A 165 -12.92 10.29 -14.16
C SER A 165 -14.18 9.53 -14.56
N GLY A 166 -14.97 9.13 -13.57
CA GLY A 166 -16.21 8.41 -13.83
C GLY A 166 -15.98 6.92 -14.07
N VAL A 167 -14.89 6.40 -13.53
CA VAL A 167 -14.54 5.01 -13.69
C VAL A 167 -14.71 4.26 -12.37
N HIS A 168 -15.30 3.07 -12.42
CA HIS A 168 -15.35 2.20 -11.26
C HIS A 168 -14.75 0.86 -11.62
N THR A 169 -13.55 0.56 -11.11
CA THR A 169 -12.94 -0.74 -11.31
C THR A 169 -13.25 -1.63 -10.10
N PHE A 170 -13.71 -2.83 -10.37
CA PHE A 170 -14.20 -3.71 -9.32
C PHE A 170 -13.17 -4.79 -8.99
N PRO A 171 -12.83 -4.92 -7.71
CA PRO A 171 -11.80 -5.85 -7.22
C PRO A 171 -12.01 -7.25 -7.77
N ALA A 172 -10.91 -7.91 -8.14
CA ALA A 172 -10.95 -9.24 -8.69
C ALA A 172 -11.47 -10.23 -7.66
N LEU A 173 -12.26 -11.19 -8.13
CA LEU A 173 -12.80 -12.20 -7.24
C LEU A 173 -12.63 -13.59 -7.81
N LEU A 174 -12.35 -14.53 -6.93
CA LEU A 174 -12.05 -15.90 -7.33
C LEU A 174 -13.34 -16.68 -7.47
N GLN A 175 -13.51 -17.31 -8.62
CA GLN A 175 -14.71 -18.09 -8.91
C GLN A 175 -14.32 -19.28 -9.77
N SER A 176 -14.53 -20.48 -9.22
CA SER A 176 -14.17 -21.73 -9.90
C SER A 176 -12.69 -21.79 -10.25
N GLY A 177 -11.85 -21.35 -9.31
CA GLY A 177 -10.41 -21.45 -9.48
C GLY A 177 -9.78 -20.37 -10.34
N LEU A 178 -10.60 -19.44 -10.83
CA LEU A 178 -10.09 -18.36 -11.67
C LEU A 178 -10.57 -17.00 -11.18
N TYR A 179 -9.80 -15.97 -11.46
CA TYR A 179 -10.18 -14.62 -11.09
C TYR A 179 -11.02 -13.98 -12.19
N THR A 180 -11.98 -13.17 -11.77
CA THR A 180 -12.76 -12.36 -12.69
C THR A 180 -12.83 -10.94 -12.15
N LEU A 181 -12.67 -9.97 -13.04
CA LEU A 181 -12.67 -8.56 -12.72
C LEU A 181 -13.58 -7.85 -13.71
N SER A 182 -14.02 -6.65 -13.38
CA SER A 182 -14.80 -5.86 -14.31
C SER A 182 -14.62 -4.38 -14.02
N SER A 183 -14.98 -3.55 -14.98
CA SER A 183 -14.90 -2.11 -14.78
C SER A 183 -16.02 -1.41 -15.53
N SER A 184 -16.49 -0.30 -14.99
CA SER A 184 -17.46 0.51 -15.70
C SER A 184 -16.88 1.91 -15.89
N VAL A 185 -17.39 2.60 -16.89
CA VAL A 185 -17.02 4.00 -17.10
C VAL A 185 -18.27 4.75 -17.55
N THR A 186 -18.46 5.96 -17.04
CA THR A 186 -19.63 6.75 -17.42
C THR A 186 -19.21 8.07 -18.05
N VAL A 187 -19.73 8.33 -19.25
CA VAL A 187 -19.41 9.56 -19.96
C VAL A 187 -20.69 10.21 -20.47
N THR A 188 -20.61 11.47 -20.89
CA THR A 188 -21.78 12.15 -21.45
C THR A 188 -22.22 11.42 -22.72
N SER A 189 -23.51 11.50 -23.03
CA SER A 189 -24.07 10.77 -24.16
C SER A 189 -23.55 11.26 -25.51
N ASN A 190 -22.90 12.42 -25.50
CA ASN A 190 -22.33 12.98 -26.72
C ASN A 190 -20.96 12.40 -27.02
N THR A 191 -20.25 11.98 -25.97
CA THR A 191 -18.92 11.42 -26.11
C THR A 191 -18.96 10.08 -26.85
N TRP A 192 -19.86 9.19 -26.41
CA TRP A 192 -19.96 7.86 -26.98
C TRP A 192 -21.31 7.68 -27.66
N PRO A 193 -21.34 7.01 -28.82
CA PRO A 193 -20.20 6.38 -29.49
C PRO A 193 -19.49 7.29 -30.49
N SER A 194 -19.65 8.60 -30.35
CA SER A 194 -18.98 9.56 -31.23
C SER A 194 -17.47 9.39 -31.15
N GLN A 195 -16.94 9.50 -29.92
CA GLN A 195 -15.52 9.32 -29.69
C GLN A 195 -15.26 7.90 -29.22
N THR A 196 -14.10 7.37 -29.59
CA THR A 196 -13.73 6.00 -29.26
C THR A 196 -13.45 5.86 -27.76
N ILE A 197 -13.98 4.80 -27.17
CA ILE A 197 -13.67 4.45 -25.78
C ILE A 197 -13.13 3.03 -25.73
N THR A 198 -11.93 2.87 -25.20
CA THR A 198 -11.24 1.59 -25.25
C THR A 198 -10.79 1.11 -23.87
N CYS A 199 -11.07 -0.17 -23.60
CA CYS A 199 -10.62 -0.84 -22.39
C CYS A 199 -9.23 -1.42 -22.62
N ASN A 200 -8.28 -1.09 -21.74
CA ASN A 200 -6.92 -1.64 -21.83
C ASN A 200 -6.60 -2.58 -20.67
N VAL A 201 -6.30 -3.83 -20.98
CA VAL A 201 -6.09 -4.85 -19.95
C VAL A 201 -4.73 -5.51 -20.08
N ALA A 202 -4.00 -5.62 -18.97
CA ALA A 202 -2.75 -6.35 -18.97
C ALA A 202 -2.73 -7.43 -17.90
N HIS A 203 -2.24 -8.61 -18.29
CA HIS A 203 -2.05 -9.72 -17.35
C HIS A 203 -0.59 -10.17 -17.41
N PRO A 204 0.25 -9.58 -16.54
CA PRO A 204 1.71 -9.77 -16.56
C PRO A 204 2.14 -11.23 -16.52
N ALA A 205 1.45 -12.03 -15.70
CA ALA A 205 1.82 -13.44 -15.52
C ALA A 205 1.76 -14.24 -16.82
N SER A 206 0.91 -13.83 -17.76
CA SER A 206 0.78 -14.53 -19.03
C SER A 206 1.28 -13.72 -20.22
N SER A 207 1.83 -12.53 -19.95
CA SER A 207 2.26 -11.60 -20.99
C SER A 207 1.13 -11.28 -21.97
N THR A 208 -0.08 -11.15 -21.42
CA THR A 208 -1.27 -10.84 -22.19
C THR A 208 -1.62 -9.36 -22.09
N LYS A 209 -1.72 -8.71 -23.25
CA LYS A 209 -2.25 -7.35 -23.33
C LYS A 209 -3.39 -7.31 -24.32
N VAL A 210 -4.54 -6.82 -23.89
CA VAL A 210 -5.71 -6.73 -24.75
C VAL A 210 -6.30 -5.31 -24.78
N ASP A 211 -6.46 -4.77 -25.97
CA ASP A 211 -7.17 -3.50 -26.15
C ASP A 211 -8.52 -3.78 -26.80
N LYS A 212 -9.59 -3.50 -26.08
CA LYS A 212 -10.94 -3.77 -26.59
C LYS A 212 -11.77 -2.50 -26.68
N LYS A 213 -12.06 -2.07 -27.90
CA LYS A 213 -12.90 -0.90 -28.12
C LYS A 213 -14.37 -1.28 -27.93
N ILE A 214 -15.09 -0.46 -27.17
CA ILE A 214 -16.51 -0.71 -26.94
C ILE A 214 -17.33 -0.28 -28.15
N GLU A 215 -17.95 -1.26 -28.81
CA GLU A 215 -18.72 -0.99 -30.01
C GLU A 215 -20.21 -1.09 -29.73
N SER A 216 -21.01 -0.31 -30.45
CA SER A 216 -22.45 -0.36 -30.31
C SER A 216 -22.98 -1.70 -30.81
N ARG A 217 -24.06 -2.19 -30.19
CA ARG A 217 -24.58 -3.51 -30.53
C ARG A 217 -25.22 -3.59 -31.92
N ARG A 218 -25.52 -2.43 -32.49
CA ARG A 218 -26.03 -2.38 -33.86
C ARG A 218 -25.63 -1.08 -34.56
N MET B 9 41.10 -2.31 14.24
CA MET B 9 42.29 -1.46 14.12
C MET B 9 41.89 0.00 13.92
N SER B 10 42.37 0.58 12.81
CA SER B 10 42.12 1.98 12.51
C SER B 10 40.87 2.17 11.65
N TYR B 11 39.87 2.85 12.20
CA TYR B 11 38.61 3.10 11.51
C TYR B 11 38.60 4.47 10.85
N VAL B 12 37.73 4.65 9.86
CA VAL B 12 37.54 5.96 9.25
C VAL B 12 36.33 6.65 9.85
N MET B 13 36.19 7.95 9.58
CA MET B 13 35.10 8.73 10.14
C MET B 13 33.75 8.30 9.60
N CYS B 14 32.76 8.20 10.50
CA CYS B 14 31.39 7.90 10.12
C CYS B 14 30.86 8.95 9.14
N THR B 15 30.14 8.48 8.12
CA THR B 15 29.59 9.38 7.12
C THR B 15 28.08 9.53 7.27
N GLY B 16 27.50 8.76 8.19
CA GLY B 16 26.07 8.72 8.35
C GLY B 16 25.46 9.77 9.27
N SER B 17 24.20 9.54 9.65
CA SER B 17 23.43 10.49 10.46
C SER B 17 23.41 10.06 11.92
N PHE B 18 23.31 11.04 12.82
CA PHE B 18 23.21 10.77 14.24
C PHE B 18 21.96 11.41 14.83
N LYS B 19 21.29 10.71 15.72
CA LYS B 19 20.15 11.29 16.43
C LYS B 19 20.33 11.11 17.94
N LEU B 20 19.81 12.06 18.71
CA LEU B 20 19.85 11.95 20.15
C LEU B 20 19.01 10.75 20.61
N GLU B 21 19.59 9.89 21.43
CA GLU B 21 18.91 8.71 21.94
C GLU B 21 18.10 9.04 23.21
N LYS B 22 18.71 9.85 24.07
CA LYS B 22 18.06 10.37 25.27
C LYS B 22 18.40 11.84 25.37
N GLU B 23 17.81 12.55 26.33
CA GLU B 23 18.14 13.95 26.52
C GLU B 23 19.54 14.06 27.11
N VAL B 24 20.25 15.13 26.78
CA VAL B 24 21.60 15.34 27.29
C VAL B 24 21.56 15.62 28.80
N ALA B 25 22.33 14.85 29.56
CA ALA B 25 22.41 15.03 31.00
C ALA B 25 23.76 15.61 31.39
N GLU B 26 23.77 16.46 32.41
CA GLU B 26 25.04 16.97 32.91
C GLU B 26 25.37 16.45 34.30
N THR B 27 26.67 16.34 34.58
CA THR B 27 27.15 15.86 35.86
C THR B 27 27.37 17.01 36.82
N GLN B 28 27.82 16.69 38.03
CA GLN B 28 28.08 17.69 39.04
C GLN B 28 29.29 18.54 38.65
N HIS B 29 30.28 17.92 38.03
CA HIS B 29 31.53 18.58 37.67
C HIS B 29 31.54 19.19 36.28
N GLY B 30 30.37 19.61 35.80
CA GLY B 30 30.27 20.39 34.59
C GLY B 30 30.57 19.71 33.27
N THR B 31 30.39 18.40 33.20
CA THR B 31 30.50 17.68 31.93
C THR B 31 29.12 17.28 31.45
N VAL B 32 29.03 16.82 30.19
CA VAL B 32 27.76 16.40 29.64
C VAL B 32 27.84 14.97 29.12
N LEU B 33 26.76 14.24 29.29
CA LEU B 33 26.64 12.87 28.81
C LEU B 33 25.68 12.86 27.62
N VAL B 34 26.22 12.53 26.46
CA VAL B 34 25.46 12.52 25.21
C VAL B 34 25.23 11.09 24.74
N GLN B 35 23.97 10.74 24.51
CA GLN B 35 23.64 9.41 24.00
C GLN B 35 23.07 9.53 22.58
N VAL B 36 23.80 8.98 21.62
CA VAL B 36 23.39 9.05 20.23
C VAL B 36 23.22 7.69 19.58
N LYS B 37 22.29 7.61 18.63
CA LYS B 37 22.12 6.44 17.80
C LYS B 37 22.50 6.80 16.36
N TYR B 38 22.93 5.79 15.61
CA TYR B 38 23.54 6.03 14.30
C TYR B 38 22.80 5.37 13.14
N GLU B 39 22.69 6.10 12.03
CA GLU B 39 22.18 5.54 10.79
C GLU B 39 23.24 5.60 9.70
N GLY B 40 23.62 4.43 9.19
CA GLY B 40 24.66 4.32 8.19
C GLY B 40 25.06 2.88 7.97
N THR B 41 25.71 2.61 6.84
CA THR B 41 26.08 1.25 6.49
C THR B 41 27.58 1.01 6.67
N ASP B 42 28.26 1.99 7.26
CA ASP B 42 29.73 1.98 7.31
C ASP B 42 30.31 1.70 8.71
N ALA B 43 29.45 1.34 9.66
CA ALA B 43 29.93 0.91 10.98
C ALA B 43 30.66 -0.42 10.85
N PRO B 44 31.71 -0.65 11.65
CA PRO B 44 32.25 0.23 12.70
C PRO B 44 33.03 1.43 12.18
N CYS B 45 32.77 2.61 12.75
CA CYS B 45 33.39 3.85 12.30
C CYS B 45 33.59 4.84 13.45
N LYS B 46 34.50 5.78 13.26
CA LYS B 46 34.78 6.80 14.27
C LYS B 46 33.77 7.94 14.19
N ILE B 47 33.22 8.31 15.34
CA ILE B 47 32.21 9.36 15.41
C ILE B 47 32.84 10.74 15.35
N PRO B 48 32.46 11.55 14.35
CA PRO B 48 32.96 12.92 14.33
C PRO B 48 32.39 13.72 15.50
N PHE B 49 33.25 14.20 16.39
CA PHE B 49 32.79 15.00 17.52
C PHE B 49 33.48 16.36 17.57
N SER B 50 32.72 17.37 17.95
CA SER B 50 33.23 18.73 18.01
C SER B 50 32.35 19.60 18.91
N THR B 51 32.88 20.75 19.31
CA THR B 51 32.09 21.77 19.97
C THR B 51 32.36 23.11 19.30
N GLN B 52 31.39 24.01 19.35
CA GLN B 52 31.52 25.31 18.70
C GLN B 52 31.06 26.44 19.60
N ASP B 53 31.56 27.64 19.37
CA ASP B 53 31.04 28.82 20.05
C ASP B 53 29.80 29.29 19.30
N GLU B 54 29.21 30.39 19.76
CA GLU B 54 27.99 30.90 19.12
C GLU B 54 28.25 31.28 17.67
N LYS B 55 29.45 31.79 17.40
CA LYS B 55 29.84 32.18 16.05
C LYS B 55 29.83 30.98 15.10
N GLY B 56 30.48 29.90 15.51
CA GLY B 56 30.51 28.68 14.72
C GLY B 56 31.89 28.04 14.65
N ALA B 57 32.89 28.74 15.17
CA ALA B 57 34.26 28.23 15.17
C ALA B 57 34.41 27.06 16.15
N THR B 58 35.24 26.10 15.78
CA THR B 58 35.42 24.90 16.60
C THR B 58 36.22 25.17 17.86
N GLN B 59 35.56 25.00 19.01
CA GLN B 59 36.24 25.07 20.30
C GLN B 59 36.96 23.75 20.53
N ASN B 60 36.17 22.71 20.82
CA ASN B 60 36.67 21.36 21.06
C ASN B 60 37.87 21.32 21.99
N GLY B 61 37.81 22.14 23.05
CA GLY B 61 38.88 22.22 24.01
C GLY B 61 39.08 20.94 24.78
N ARG B 62 38.02 20.15 24.92
CA ARG B 62 38.10 18.88 25.63
C ARG B 62 36.98 17.90 25.27
N LEU B 63 37.36 16.63 25.22
CA LEU B 63 36.42 15.53 25.04
C LEU B 63 36.86 14.37 25.94
N ILE B 64 36.11 14.14 27.02
CA ILE B 64 36.47 13.13 28.01
C ILE B 64 36.53 11.72 27.42
N THR B 65 35.48 11.32 26.71
CA THR B 65 35.44 10.01 26.06
C THR B 65 36.45 9.95 24.92
N ALA B 66 37.45 9.09 25.07
CA ALA B 66 38.48 8.95 24.06
C ALA B 66 38.03 8.01 22.96
N ASN B 67 38.26 8.40 21.72
CA ASN B 67 37.98 7.57 20.55
C ASN B 67 36.54 7.04 20.48
N PRO B 68 35.56 7.94 20.36
CA PRO B 68 34.15 7.53 20.27
C PRO B 68 33.88 6.81 18.97
N ILE B 69 33.37 5.59 19.02
CA ILE B 69 33.07 4.85 17.79
C ILE B 69 31.70 4.17 17.83
N VAL B 70 31.12 3.98 16.65
CA VAL B 70 29.92 3.17 16.48
C VAL B 70 30.37 1.75 16.16
N THR B 71 30.05 0.80 17.02
CA THR B 71 30.46 -0.58 16.78
C THR B 71 29.34 -1.36 16.12
N ASP B 72 28.11 -1.03 16.51
CA ASP B 72 26.93 -1.65 15.93
C ASP B 72 25.86 -0.58 15.76
N LYS B 73 25.32 -0.51 14.54
CA LYS B 73 24.24 0.42 14.21
C LYS B 73 23.07 0.33 15.19
N GLU B 74 22.75 -0.88 15.62
CA GLU B 74 21.64 -1.10 16.54
C GLU B 74 21.91 -0.65 17.98
N LYS B 75 23.18 -0.39 18.30
CA LYS B 75 23.54 0.01 19.65
C LYS B 75 24.00 1.46 19.71
N PRO B 76 23.44 2.22 20.67
CA PRO B 76 23.80 3.64 20.84
C PRO B 76 25.16 3.85 21.49
N VAL B 77 25.69 5.06 21.34
CA VAL B 77 27.00 5.38 21.87
C VAL B 77 26.92 6.46 22.94
N ASN B 78 27.65 6.26 24.04
CA ASN B 78 27.79 7.26 25.09
C ASN B 78 29.03 8.08 24.84
N ILE B 79 28.88 9.40 24.91
CA ILE B 79 30.00 10.32 24.73
C ILE B 79 29.99 11.34 25.86
N GLU B 80 31.07 11.45 26.62
CA GLU B 80 31.13 12.48 27.64
C GLU B 80 32.04 13.63 27.19
N ALA B 81 31.58 14.86 27.39
CA ALA B 81 32.32 16.01 26.89
C ALA B 81 32.35 17.15 27.90
N GLU B 82 33.31 18.05 27.75
CA GLU B 82 33.39 19.20 28.63
C GLU B 82 33.25 20.49 27.83
N PRO B 83 32.00 20.97 27.70
CA PRO B 83 31.73 22.19 26.94
C PRO B 83 32.29 23.42 27.64
N PRO B 84 32.53 24.50 26.88
CA PRO B 84 33.00 25.76 27.46
C PRO B 84 31.86 26.44 28.23
N PHE B 85 32.17 27.52 28.92
CA PHE B 85 31.15 28.24 29.67
C PHE B 85 30.22 29.00 28.75
N GLY B 86 28.98 29.17 29.19
CA GLY B 86 27.99 29.87 28.41
C GLY B 86 27.53 29.09 27.18
N GLU B 87 26.94 29.81 26.24
CA GLU B 87 26.33 29.20 25.05
C GLU B 87 27.36 28.57 24.11
N SER B 88 27.17 27.29 23.81
CA SER B 88 28.02 26.59 22.85
C SER B 88 27.18 25.59 22.07
N TYR B 89 27.81 24.85 21.17
CA TYR B 89 27.10 23.81 20.44
C TYR B 89 27.89 22.50 20.47
N ILE B 90 27.21 21.41 20.79
CA ILE B 90 27.77 20.09 20.67
C ILE B 90 27.42 19.56 19.28
N VAL B 91 28.44 19.18 18.53
CA VAL B 91 28.29 18.73 17.15
C VAL B 91 28.74 17.28 16.98
N VAL B 92 27.77 16.41 16.71
CA VAL B 92 28.01 14.99 16.48
C VAL B 92 27.77 14.67 15.01
N GLY B 93 28.75 14.04 14.38
CA GLY B 93 28.65 13.70 12.97
C GLY B 93 29.20 14.80 12.08
N ALA B 94 29.30 14.51 10.78
CA ALA B 94 29.84 15.47 9.83
C ALA B 94 28.84 15.83 8.73
N GLY B 95 29.15 16.87 7.97
CA GLY B 95 28.34 17.25 6.82
C GLY B 95 27.09 18.05 7.16
N GLU B 96 26.26 18.26 6.15
CA GLU B 96 25.05 19.07 6.27
C GLU B 96 24.05 18.44 7.24
N LYS B 97 24.19 17.16 7.50
CA LYS B 97 23.23 16.44 8.32
C LYS B 97 23.72 16.25 9.75
N ALA B 98 24.79 16.95 10.12
CA ALA B 98 25.39 16.81 11.44
C ALA B 98 24.43 17.25 12.53
N LEU B 99 24.43 16.50 13.64
CA LEU B 99 23.59 16.80 14.77
C LEU B 99 24.18 17.96 15.59
N LYS B 100 23.46 19.07 15.63
CA LYS B 100 23.98 20.29 16.27
C LYS B 100 23.07 20.73 17.41
N LEU B 101 23.50 20.46 18.65
CA LEU B 101 22.70 20.80 19.84
C LEU B 101 23.25 22.05 20.50
N SER B 102 22.37 22.94 20.95
CA SER B 102 22.83 24.08 21.73
C SER B 102 23.02 23.66 23.18
N TRP B 103 23.83 24.40 23.92
CA TRP B 103 24.06 24.10 25.33
C TRP B 103 24.47 25.35 26.10
N PHE B 104 24.07 25.41 27.36
CA PHE B 104 24.47 26.51 28.24
C PHE B 104 25.05 25.94 29.52
N LYS B 105 26.09 26.58 30.04
CA LYS B 105 26.80 26.07 31.21
C LYS B 105 27.20 27.15 32.22
N LYS B 106 26.99 26.86 33.50
CA LYS B 106 27.34 27.77 34.59
C LYS B 106 28.83 28.11 34.59
N GLU C 1 9.56 -10.26 20.86
CA GLU C 1 9.49 -9.04 20.06
C GLU C 1 8.62 -7.99 20.73
N THR C 2 8.73 -6.75 20.26
CA THR C 2 7.84 -5.69 20.73
C THR C 2 6.48 -5.79 20.02
N THR C 3 5.46 -6.17 20.78
CA THR C 3 4.12 -6.30 20.25
C THR C 3 3.44 -4.94 20.12
N VAL C 4 2.81 -4.70 18.98
CA VAL C 4 2.09 -3.46 18.77
C VAL C 4 0.60 -3.74 18.57
N THR C 5 -0.21 -3.22 19.48
CA THR C 5 -1.64 -3.39 19.41
C THR C 5 -2.28 -2.12 18.87
N GLN C 6 -2.93 -2.22 17.72
CA GLN C 6 -3.55 -1.05 17.11
C GLN C 6 -5.06 -1.11 17.25
N SER C 7 -5.69 0.06 17.40
CA SER C 7 -7.15 0.13 17.49
C SER C 7 -7.66 1.49 17.00
N PRO C 8 -8.90 1.54 16.49
CA PRO C 8 -9.76 0.37 16.23
C PRO C 8 -9.41 -0.27 14.90
N ALA C 9 -10.02 -1.40 14.60
CA ALA C 9 -9.78 -2.08 13.33
C ALA C 9 -10.41 -1.27 12.20
N SER C 10 -11.58 -0.68 12.49
CA SER C 10 -12.29 0.10 11.50
C SER C 10 -12.98 1.30 12.14
N LEU C 11 -13.05 2.39 11.38
CA LEU C 11 -13.54 3.65 11.89
C LEU C 11 -14.22 4.43 10.77
N SER C 12 -15.32 5.11 11.08
CA SER C 12 -16.02 5.90 10.09
C SER C 12 -16.35 7.28 10.62
N VAL C 13 -15.98 8.31 9.86
CA VAL C 13 -16.30 9.67 10.28
C VAL C 13 -16.80 10.49 9.10
N ALA C 14 -17.53 11.56 9.40
CA ALA C 14 -18.00 12.49 8.37
C ALA C 14 -16.88 13.45 8.00
N THR C 15 -16.98 14.06 6.82
CA THR C 15 -16.01 15.06 6.38
C THR C 15 -15.92 16.23 7.35
N GLY C 16 -14.70 16.54 7.78
CA GLY C 16 -14.48 17.65 8.68
C GLY C 16 -14.30 17.23 10.13
N GLU C 17 -14.52 15.94 10.40
CA GLU C 17 -14.40 15.42 11.76
C GLU C 17 -13.01 14.87 12.08
N LYS C 18 -12.74 14.67 13.36
CA LYS C 18 -11.44 14.21 13.82
C LYS C 18 -11.31 12.69 13.83
N VAL C 19 -10.20 12.20 13.29
CA VAL C 19 -9.90 10.78 13.34
C VAL C 19 -8.87 10.55 14.42
N THR C 20 -9.12 9.57 15.28
CA THR C 20 -8.18 9.18 16.31
C THR C 20 -7.90 7.68 16.26
N ILE C 21 -6.64 7.33 16.04
CA ILE C 21 -6.21 5.93 15.96
C ILE C 21 -5.10 5.76 16.99
N ARG C 22 -4.97 4.57 17.58
CA ARG C 22 -3.90 4.40 18.55
C ARG C 22 -3.16 3.08 18.48
N CYS C 23 -1.90 3.12 18.92
CA CYS C 23 -1.04 1.96 18.99
C CYS C 23 -0.37 1.89 20.34
N ILE C 24 -0.48 0.73 20.99
CA ILE C 24 0.16 0.50 22.27
C ILE C 24 1.24 -0.57 22.13
N THR C 25 2.42 -0.29 22.69
CA THR C 25 3.53 -1.22 22.54
C THR C 25 3.80 -2.02 23.81
N SER C 26 4.27 -3.25 23.64
CA SER C 26 4.51 -4.15 24.76
C SER C 26 5.78 -3.77 25.54
N THR C 27 6.66 -3.00 24.91
CA THR C 27 7.87 -2.49 25.57
C THR C 27 7.99 -0.98 25.38
N ASP C 28 8.88 -0.37 26.14
CA ASP C 28 9.10 1.07 26.08
C ASP C 28 9.92 1.40 24.84
N ILE C 29 9.40 2.28 24.00
CA ILE C 29 10.07 2.59 22.73
C ILE C 29 10.32 4.08 22.53
N ASP C 30 10.29 4.84 23.63
CA ASP C 30 10.40 6.29 23.59
C ASP C 30 9.36 6.86 22.62
N ASP C 31 9.82 7.59 21.61
CA ASP C 31 8.92 8.11 20.59
C ASP C 31 9.29 7.57 19.21
N ASP C 32 9.81 6.35 19.18
CA ASP C 32 10.18 5.71 17.92
C ASP C 32 8.98 5.06 17.24
N MET C 33 7.97 5.88 16.96
CA MET C 33 6.74 5.41 16.33
C MET C 33 6.56 6.10 14.99
N ASN C 34 6.12 5.34 14.00
CA ASN C 34 5.94 5.87 12.65
C ASN C 34 4.54 5.54 12.17
N TRP C 35 4.01 6.38 11.28
CA TRP C 35 2.66 6.21 10.77
C TRP C 35 2.59 6.23 9.26
N TYR C 36 1.91 5.23 8.72
CA TYR C 36 1.80 4.97 7.30
C TYR C 36 0.35 4.97 6.81
N GLN C 37 0.16 5.51 5.60
CA GLN C 37 -1.12 5.46 4.92
C GLN C 37 -1.02 4.55 3.68
N GLN C 38 -2.03 3.71 3.47
CA GLN C 38 -2.09 2.87 2.29
C GLN C 38 -3.48 2.99 1.65
N LYS C 39 -3.54 3.68 0.52
CA LYS C 39 -4.77 3.80 -0.24
C LYS C 39 -4.96 2.53 -1.06
N PRO C 40 -6.22 2.20 -1.38
CA PRO C 40 -6.51 0.97 -2.15
C PRO C 40 -5.70 0.89 -3.43
N GLY C 41 -5.09 -0.26 -3.67
CA GLY C 41 -4.28 -0.49 -4.86
C GLY C 41 -2.88 0.09 -4.77
N GLU C 42 -2.56 0.78 -3.67
CA GLU C 42 -1.26 1.44 -3.55
C GLU C 42 -0.34 0.78 -2.55
N ARG C 43 0.90 1.26 -2.51
CA ARG C 43 1.89 0.80 -1.54
C ARG C 43 1.78 1.68 -0.29
N PRO C 44 2.26 1.19 0.86
CA PRO C 44 2.31 2.03 2.06
C PRO C 44 3.19 3.27 1.84
N LYS C 45 2.79 4.39 2.43
CA LYS C 45 3.56 5.62 2.34
C LYS C 45 3.76 6.19 3.74
N LEU C 46 4.98 6.64 4.04
CA LEU C 46 5.29 7.20 5.34
C LEU C 46 4.71 8.60 5.52
N LEU C 47 3.73 8.73 6.41
CA LEU C 47 3.16 10.02 6.73
C LEU C 47 3.96 10.69 7.86
N ILE C 48 4.31 9.92 8.89
CA ILE C 48 4.98 10.51 10.05
C ILE C 48 6.10 9.63 10.57
N SER C 49 7.30 10.19 10.71
CA SER C 49 8.42 9.41 11.25
C SER C 49 8.63 9.72 12.74
N GLU C 50 9.63 9.05 13.34
CA GLU C 50 9.93 9.17 14.77
C GLU C 50 9.85 10.59 15.31
N GLY C 51 9.33 10.72 16.52
CA GLY C 51 9.22 12.02 17.18
C GLY C 51 8.17 12.90 16.52
N ASN C 52 7.10 12.29 16.03
CA ASN C 52 6.00 13.01 15.41
C ASN C 52 6.47 13.95 14.29
N THR C 53 7.37 13.45 13.47
CA THR C 53 7.96 14.23 12.41
C THR C 53 7.16 14.03 11.12
N LEU C 54 6.40 15.05 10.74
CA LEU C 54 5.61 15.00 9.52
C LEU C 54 6.55 14.99 8.33
N ARG C 55 6.38 14.02 7.45
CA ARG C 55 7.22 13.92 6.25
C ARG C 55 6.90 15.06 5.30
N PRO C 56 7.92 15.57 4.61
CA PRO C 56 7.76 16.63 3.60
C PRO C 56 6.70 16.24 2.57
N GLY C 57 5.82 17.18 2.25
CA GLY C 57 4.79 16.95 1.26
C GLY C 57 3.52 16.35 1.83
N VAL C 58 3.56 15.97 3.11
CA VAL C 58 2.37 15.42 3.76
C VAL C 58 1.55 16.55 4.37
N PRO C 59 0.23 16.58 4.07
CA PRO C 59 -0.71 17.58 4.60
C PRO C 59 -0.64 17.72 6.12
N SER C 60 -0.63 18.96 6.59
CA SER C 60 -0.47 19.27 8.00
C SER C 60 -1.61 18.80 8.88
N ARG C 61 -2.69 18.30 8.27
CA ARG C 61 -3.84 17.84 9.04
C ARG C 61 -3.57 16.51 9.73
N PHE C 62 -2.51 15.82 9.31
CA PHE C 62 -2.07 14.60 9.97
C PHE C 62 -1.09 14.94 11.10
N SER C 63 -1.31 14.36 12.28
CA SER C 63 -0.38 14.55 13.40
C SER C 63 -0.29 13.31 14.26
N SER C 64 0.64 13.31 15.21
CA SER C 64 0.76 12.19 16.13
C SER C 64 1.30 12.66 17.48
N SER C 65 1.26 11.76 18.46
CA SER C 65 1.83 12.05 19.77
C SER C 65 2.02 10.75 20.58
N GLY C 66 2.65 10.89 21.74
CA GLY C 66 2.91 9.77 22.62
C GLY C 66 4.39 9.56 22.89
N TYR C 67 4.69 8.91 24.01
CA TYR C 67 6.07 8.62 24.39
C TYR C 67 6.08 7.49 25.40
N GLY C 68 6.73 6.38 25.03
CA GLY C 68 6.79 5.21 25.89
C GLY C 68 6.07 4.01 25.32
N THR C 69 4.78 3.88 25.63
CA THR C 69 3.99 2.74 25.15
C THR C 69 2.64 3.12 24.55
N ASP C 70 2.23 4.37 24.73
CA ASP C 70 0.89 4.80 24.33
C ASP C 70 0.99 5.84 23.22
N PHE C 71 0.54 5.49 22.03
CA PHE C 71 0.75 6.37 20.87
C PHE C 71 -0.53 6.67 20.12
N VAL C 72 -0.72 7.92 19.73
CA VAL C 72 -1.93 8.28 18.98
C VAL C 72 -1.65 9.01 17.67
N PHE C 73 -2.48 8.71 16.67
CA PHE C 73 -2.42 9.30 15.35
C PHE C 73 -3.74 10.04 15.12
N THR C 74 -3.64 11.28 14.66
CA THR C 74 -4.82 12.12 14.50
C THR C 74 -4.96 12.71 13.09
N ILE C 75 -6.18 12.70 12.58
CA ILE C 75 -6.51 13.49 11.39
C ILE C 75 -7.48 14.61 11.76
N GLU C 76 -7.03 15.86 11.58
CA GLU C 76 -7.91 17.01 11.76
C GLU C 76 -8.59 17.33 10.44
N ASN C 77 -9.88 17.68 10.50
CA ASN C 77 -10.63 18.01 9.29
C ASN C 77 -10.46 16.94 8.21
N THR C 78 -10.90 15.71 8.52
CA THR C 78 -10.73 14.59 7.61
C THR C 78 -11.44 14.83 6.28
N LEU C 79 -10.70 14.66 5.19
CA LEU C 79 -11.26 14.83 3.85
C LEU C 79 -11.69 13.49 3.28
N SER C 80 -12.44 13.52 2.18
CA SER C 80 -12.87 12.29 1.54
C SER C 80 -11.70 11.55 0.89
N GLU C 81 -10.64 12.28 0.57
CA GLU C 81 -9.44 11.69 -0.02
C GLU C 81 -8.69 10.81 0.98
N ASP C 82 -9.09 10.90 2.24
CA ASP C 82 -8.33 10.27 3.31
C ASP C 82 -8.68 8.80 3.56
N VAL C 83 -9.66 8.27 2.82
CA VAL C 83 -10.01 6.86 2.97
C VAL C 83 -8.83 5.97 2.59
N ALA C 84 -8.45 5.09 3.52
CA ALA C 84 -7.28 4.25 3.38
C ALA C 84 -7.15 3.33 4.58
N ASP C 85 -6.08 2.52 4.60
CA ASP C 85 -5.68 1.81 5.80
C ASP C 85 -4.54 2.57 6.43
N TYR C 86 -4.50 2.58 7.76
CA TYR C 86 -3.43 3.27 8.47
C TYR C 86 -2.71 2.30 9.38
N PHE C 87 -1.39 2.36 9.35
CA PHE C 87 -0.56 1.41 10.08
C PHE C 87 0.46 2.17 10.92
N CYS C 88 0.80 1.61 12.07
CA CYS C 88 1.92 2.14 12.82
C CYS C 88 3.10 1.16 12.76
N LEU C 89 4.30 1.70 12.79
CA LEU C 89 5.51 0.89 12.83
C LEU C 89 6.42 1.37 13.96
N GLN C 90 6.79 0.44 14.84
CA GLN C 90 7.76 0.74 15.88
C GLN C 90 9.17 0.61 15.28
N SER C 91 10.02 1.61 15.53
CA SER C 91 11.37 1.60 14.99
C SER C 91 12.44 1.65 16.10
N ASP C 92 12.08 1.15 17.27
CA ASP C 92 12.97 1.19 18.42
C ASP C 92 13.98 0.05 18.44
N ASN C 93 13.55 -1.13 18.01
CA ASN C 93 14.40 -2.32 18.06
C ASN C 93 13.99 -3.39 17.04
N LEU C 94 14.93 -4.26 16.70
CA LEU C 94 14.67 -5.38 15.80
C LEU C 94 14.13 -6.60 16.57
N PRO C 95 13.14 -7.29 16.00
CA PRO C 95 12.54 -7.03 14.68
C PRO C 95 11.54 -5.87 14.69
N LEU C 96 11.49 -5.12 13.59
CA LEU C 96 10.50 -4.06 13.45
C LEU C 96 9.12 -4.71 13.45
N THR C 97 8.15 -4.03 14.07
CA THR C 97 6.80 -4.59 14.18
C THR C 97 5.72 -3.55 13.90
N PHE C 98 4.67 -3.99 13.23
CA PHE C 98 3.59 -3.13 12.77
C PHE C 98 2.33 -3.34 13.60
N GLY C 99 1.48 -2.32 13.65
CA GLY C 99 0.12 -2.48 14.13
C GLY C 99 -0.69 -3.19 13.05
N SER C 100 -1.78 -3.85 13.45
CA SER C 100 -2.58 -4.64 12.51
C SER C 100 -3.41 -3.81 11.54
N GLY C 101 -3.41 -2.49 11.71
CA GLY C 101 -4.07 -1.59 10.78
C GLY C 101 -5.45 -1.08 11.18
N THR C 102 -5.81 0.07 10.61
CA THR C 102 -7.13 0.66 10.82
C THR C 102 -7.73 1.05 9.47
N LYS C 103 -8.96 0.61 9.23
CA LYS C 103 -9.65 0.95 8.00
C LYS C 103 -10.48 2.21 8.19
N LEU C 104 -10.19 3.26 7.44
CA LEU C 104 -10.93 4.50 7.57
C LEU C 104 -11.97 4.66 6.45
N GLU C 105 -13.19 4.96 6.84
CA GLU C 105 -14.27 5.22 5.89
C GLU C 105 -15.03 6.50 6.23
N ILE C 106 -15.74 7.03 5.24
CA ILE C 106 -16.47 8.29 5.38
C ILE C 106 -17.97 8.06 5.53
N LYS C 107 -18.58 8.78 6.46
CA LYS C 107 -20.02 8.83 6.58
C LYS C 107 -20.53 9.99 5.74
N ARG C 108 -21.52 9.71 4.89
CA ARG C 108 -22.17 10.75 4.09
C ARG C 108 -23.67 10.53 3.99
N ALA C 109 -24.35 11.40 3.26
CA ALA C 109 -25.79 11.25 3.03
C ALA C 109 -26.07 10.05 2.13
N ASP C 110 -27.19 9.36 2.40
CA ASP C 110 -27.58 8.21 1.60
C ASP C 110 -27.73 8.59 0.13
N ALA C 111 -27.60 7.59 -0.73
CA ALA C 111 -27.68 7.80 -2.18
C ALA C 111 -28.09 6.51 -2.86
N ALA C 112 -29.13 6.58 -3.68
CA ALA C 112 -29.61 5.42 -4.42
C ALA C 112 -28.62 5.04 -5.51
N PRO C 113 -28.54 3.75 -5.83
CA PRO C 113 -27.61 3.31 -6.89
C PRO C 113 -28.14 3.62 -8.29
N THR C 114 -27.22 3.86 -9.23
CA THR C 114 -27.59 3.93 -10.64
C THR C 114 -27.33 2.56 -11.23
N VAL C 115 -28.39 1.90 -11.69
CA VAL C 115 -28.29 0.52 -12.13
C VAL C 115 -28.29 0.38 -13.65
N SER C 116 -27.31 -0.36 -14.17
CA SER C 116 -27.23 -0.60 -15.61
C SER C 116 -27.02 -2.08 -15.89
N ILE C 117 -27.71 -2.59 -16.90
CA ILE C 117 -27.64 -4.01 -17.25
C ILE C 117 -27.00 -4.22 -18.62
N PHE C 118 -26.25 -5.31 -18.75
CA PHE C 118 -25.46 -5.59 -19.94
C PHE C 118 -25.57 -7.06 -20.32
N PRO C 119 -26.02 -7.33 -21.55
CA PRO C 119 -26.09 -8.68 -22.11
C PRO C 119 -24.69 -9.16 -22.46
N PRO C 120 -24.52 -10.48 -22.61
CA PRO C 120 -23.21 -10.99 -23.00
C PRO C 120 -22.78 -10.47 -24.37
N SER C 121 -21.48 -10.22 -24.52
CA SER C 121 -20.91 -9.78 -25.79
C SER C 121 -20.89 -10.93 -26.77
N SER C 122 -20.78 -10.60 -28.06
CA SER C 122 -20.78 -11.63 -29.09
C SER C 122 -19.52 -12.50 -29.03
N GLU C 123 -18.41 -11.91 -28.57
CA GLU C 123 -17.16 -12.66 -28.43
C GLU C 123 -17.30 -13.79 -27.42
N GLN C 124 -17.91 -13.49 -26.28
CA GLN C 124 -18.10 -14.50 -25.24
C GLN C 124 -19.02 -15.60 -25.74
N LEU C 125 -20.09 -15.22 -26.42
CA LEU C 125 -21.01 -16.19 -26.97
C LEU C 125 -20.31 -17.09 -27.97
N THR C 126 -19.37 -16.51 -28.73
CA THR C 126 -18.52 -17.29 -29.63
C THR C 126 -17.67 -18.28 -28.83
N SER C 127 -17.20 -17.86 -27.66
CA SER C 127 -16.37 -18.72 -26.83
C SER C 127 -17.18 -19.82 -26.11
N GLY C 128 -18.50 -19.70 -26.11
CA GLY C 128 -19.36 -20.71 -25.53
C GLY C 128 -19.97 -20.37 -24.18
N GLY C 129 -19.72 -19.17 -23.69
CA GLY C 129 -20.27 -18.73 -22.42
C GLY C 129 -21.15 -17.50 -22.57
N ALA C 130 -21.86 -17.14 -21.50
CA ALA C 130 -22.69 -15.95 -21.52
C ALA C 130 -22.82 -15.33 -20.14
N SER C 131 -22.20 -14.17 -19.97
CA SER C 131 -22.24 -13.45 -18.70
C SER C 131 -23.09 -12.19 -18.85
N VAL C 132 -23.98 -11.99 -17.89
CA VAL C 132 -24.82 -10.81 -17.85
C VAL C 132 -24.34 -9.97 -16.67
N VAL C 133 -24.18 -8.68 -16.89
CA VAL C 133 -23.56 -7.84 -15.88
C VAL C 133 -24.49 -6.72 -15.43
N CYS C 134 -24.59 -6.51 -14.13
CA CYS C 134 -25.29 -5.35 -13.60
C CYS C 134 -24.37 -4.48 -12.78
N PHE C 135 -24.30 -3.20 -13.12
CA PHE C 135 -23.54 -2.24 -12.33
C PHE C 135 -24.50 -1.46 -11.45
N LEU C 136 -24.23 -1.49 -10.16
CA LEU C 136 -24.97 -0.68 -9.20
C LEU C 136 -24.00 0.39 -8.72
N ASN C 137 -24.12 1.59 -9.28
CA ASN C 137 -23.08 2.61 -9.11
C ASN C 137 -23.40 3.79 -8.22
N ASN C 138 -22.38 4.20 -7.46
CA ASN C 138 -22.42 5.40 -6.62
C ASN C 138 -23.58 5.47 -5.63
N PHE C 139 -23.65 4.48 -4.74
CA PHE C 139 -24.65 4.46 -3.70
C PHE C 139 -24.03 4.57 -2.31
N TYR C 140 -24.88 4.77 -1.31
CA TYR C 140 -24.47 4.74 0.10
C TYR C 140 -25.72 4.57 0.96
N PRO C 141 -25.64 3.75 2.02
CA PRO C 141 -24.46 3.01 2.52
C PRO C 141 -24.08 1.78 1.70
N LYS C 142 -23.01 1.11 2.12
CA LYS C 142 -22.43 0.00 1.40
C LYS C 142 -23.35 -1.21 1.23
N ASP C 143 -24.18 -1.49 2.24
CA ASP C 143 -25.09 -2.62 2.18
C ASP C 143 -26.06 -2.49 1.02
N ILE C 144 -26.16 -3.55 0.23
CA ILE C 144 -27.04 -3.58 -0.92
C ILE C 144 -27.29 -5.02 -1.33
N ASN C 145 -28.45 -5.27 -1.92
CA ASN C 145 -28.76 -6.62 -2.36
C ASN C 145 -29.11 -6.66 -3.84
N VAL C 146 -28.75 -7.76 -4.50
CA VAL C 146 -29.08 -7.95 -5.90
C VAL C 146 -29.76 -9.29 -6.08
N LYS C 147 -30.84 -9.31 -6.86
CA LYS C 147 -31.52 -10.55 -7.18
C LYS C 147 -31.61 -10.71 -8.70
N TRP C 148 -31.16 -11.85 -9.20
CA TRP C 148 -31.27 -12.14 -10.61
C TRP C 148 -32.51 -13.00 -10.92
N LYS C 149 -33.16 -12.68 -12.03
CA LYS C 149 -34.32 -13.43 -12.50
C LYS C 149 -34.15 -13.77 -13.97
N ILE C 150 -34.20 -15.06 -14.27
CA ILE C 150 -34.19 -15.56 -15.61
C ILE C 150 -35.61 -16.05 -15.93
N ASP C 151 -36.25 -15.38 -16.89
CA ASP C 151 -37.65 -15.63 -17.20
C ASP C 151 -38.49 -15.61 -15.92
N GLY C 152 -38.24 -14.63 -15.07
CA GLY C 152 -38.99 -14.46 -13.84
C GLY C 152 -38.60 -15.38 -12.71
N SER C 153 -37.70 -16.34 -12.96
CA SER C 153 -37.28 -17.27 -11.92
C SER C 153 -35.96 -16.87 -11.30
N GLU C 154 -35.90 -16.81 -9.97
CA GLU C 154 -34.71 -16.39 -9.26
C GLU C 154 -33.51 -17.31 -9.50
N ARG C 155 -32.33 -16.72 -9.64
CA ARG C 155 -31.10 -17.49 -9.88
C ARG C 155 -30.01 -17.00 -8.94
N GLN C 156 -29.49 -17.92 -8.10
CA GLN C 156 -28.51 -17.55 -7.09
C GLN C 156 -27.09 -18.05 -7.42
N ASN C 157 -27.01 -19.17 -8.12
CA ASN C 157 -25.71 -19.72 -8.49
C ASN C 157 -25.13 -19.02 -9.72
N GLY C 158 -23.80 -18.99 -9.81
CA GLY C 158 -23.12 -18.37 -10.92
C GLY C 158 -23.09 -16.85 -10.83
N VAL C 159 -23.45 -16.35 -9.64
CA VAL C 159 -23.42 -14.91 -9.40
C VAL C 159 -22.13 -14.51 -8.69
N LEU C 160 -21.52 -13.43 -9.18
CA LEU C 160 -20.30 -12.90 -8.59
C LEU C 160 -20.50 -11.42 -8.29
N ASN C 161 -20.54 -11.07 -7.01
CA ASN C 161 -20.74 -9.69 -6.60
C ASN C 161 -19.46 -9.08 -6.00
N SER C 162 -19.05 -7.94 -6.54
CA SER C 162 -17.82 -7.28 -6.12
C SER C 162 -18.03 -5.79 -5.84
N TRP C 163 -17.78 -5.39 -4.59
CA TRP C 163 -17.88 -3.99 -4.18
C TRP C 163 -16.54 -3.28 -4.39
N THR C 164 -16.60 -2.02 -4.77
CA THR C 164 -15.41 -1.19 -4.84
C THR C 164 -15.06 -0.69 -3.44
N ASP C 165 -13.83 -0.23 -3.27
CA ASP C 165 -13.48 0.53 -2.08
C ASP C 165 -14.16 1.90 -2.20
N GLN C 166 -14.34 2.58 -1.07
CA GLN C 166 -15.08 3.83 -1.06
C GLN C 166 -14.43 4.88 -1.95
N ASP C 167 -15.22 5.54 -2.78
CA ASP C 167 -14.71 6.53 -3.70
C ASP C 167 -14.12 7.72 -2.94
N SER C 168 -12.95 8.18 -3.38
CA SER C 168 -12.24 9.23 -2.68
C SER C 168 -12.78 10.63 -2.99
N LYS C 169 -13.70 10.70 -3.95
CA LYS C 169 -14.30 11.99 -4.31
C LYS C 169 -15.67 12.18 -3.67
N ASP C 170 -16.61 11.29 -3.97
CA ASP C 170 -17.99 11.44 -3.51
C ASP C 170 -18.36 10.48 -2.37
N SER C 171 -17.36 9.76 -1.87
CA SER C 171 -17.54 8.85 -0.73
C SER C 171 -18.61 7.78 -0.92
N THR C 172 -18.94 7.46 -2.17
CA THR C 172 -19.91 6.41 -2.43
C THR C 172 -19.23 5.06 -2.66
N TYR C 173 -20.05 4.03 -2.82
CA TYR C 173 -19.57 2.72 -3.22
C TYR C 173 -20.27 2.34 -4.51
N SER C 174 -19.64 1.48 -5.30
CA SER C 174 -20.27 0.87 -6.45
C SER C 174 -20.15 -0.64 -6.33
N MET C 175 -20.97 -1.37 -7.09
CA MET C 175 -20.95 -2.82 -7.02
C MET C 175 -21.25 -3.47 -8.37
N SER C 176 -20.47 -4.49 -8.70
CA SER C 176 -20.66 -5.23 -9.95
C SER C 176 -21.23 -6.62 -9.66
N SER C 177 -22.30 -6.99 -10.35
CA SER C 177 -22.89 -8.32 -10.21
C SER C 177 -22.91 -9.06 -11.55
N THR C 178 -22.20 -10.18 -11.62
CA THR C 178 -22.12 -10.93 -12.87
C THR C 178 -22.78 -12.29 -12.75
N LEU C 179 -23.81 -12.52 -13.55
CA LEU C 179 -24.44 -13.83 -13.65
C LEU C 179 -23.81 -14.58 -14.82
N THR C 180 -23.27 -15.76 -14.55
CA THR C 180 -22.65 -16.55 -15.61
C THR C 180 -23.46 -17.80 -15.94
N LEU C 181 -23.80 -17.94 -17.22
CA LEU C 181 -24.48 -19.12 -17.72
C LEU C 181 -23.69 -19.66 -18.90
N THR C 182 -23.97 -20.90 -19.26
CA THR C 182 -23.47 -21.44 -20.51
C THR C 182 -24.25 -20.79 -21.65
N LYS C 183 -23.69 -20.79 -22.85
CA LYS C 183 -24.35 -20.17 -23.99
C LYS C 183 -25.72 -20.81 -24.25
N ASP C 184 -25.77 -22.13 -24.25
CA ASP C 184 -26.99 -22.87 -24.54
C ASP C 184 -28.10 -22.50 -23.55
N GLU C 185 -27.74 -22.55 -22.27
CA GLU C 185 -28.64 -22.17 -21.19
C GLU C 185 -29.16 -20.77 -21.45
N TYR C 186 -28.25 -19.84 -21.76
CA TYR C 186 -28.60 -18.45 -21.99
C TYR C 186 -29.56 -18.27 -23.17
N GLU C 187 -29.40 -19.08 -24.21
CA GLU C 187 -30.23 -18.97 -25.41
C GLU C 187 -31.52 -19.76 -25.30
N ARG C 188 -31.70 -20.46 -24.19
CA ARG C 188 -33.00 -21.11 -23.92
C ARG C 188 -33.98 -20.22 -23.16
N HIS C 189 -33.54 -19.02 -22.79
CA HIS C 189 -34.37 -18.09 -22.01
C HIS C 189 -34.36 -16.69 -22.62
N ASN C 190 -35.40 -15.91 -22.35
CA ASN C 190 -35.57 -14.61 -23.01
C ASN C 190 -35.44 -13.39 -22.11
N SER C 191 -36.09 -13.41 -20.95
CA SER C 191 -36.07 -12.25 -20.06
C SER C 191 -34.96 -12.36 -19.00
N TYR C 192 -34.14 -11.30 -18.90
CA TYR C 192 -33.07 -11.23 -17.89
C TYR C 192 -33.19 -9.97 -17.04
N THR C 193 -33.36 -10.18 -15.73
CA THR C 193 -33.62 -9.08 -14.82
C THR C 193 -32.68 -9.06 -13.62
N CYS C 194 -32.18 -7.88 -13.27
CA CYS C 194 -31.52 -7.70 -11.99
C CYS C 194 -32.28 -6.67 -11.15
N GLU C 195 -32.52 -7.00 -9.89
CA GLU C 195 -33.23 -6.12 -8.97
C GLU C 195 -32.30 -5.71 -7.85
N ALA C 196 -32.15 -4.40 -7.66
CA ALA C 196 -31.31 -3.87 -6.60
C ALA C 196 -32.18 -3.40 -5.43
N THR C 197 -31.88 -3.92 -4.24
CA THR C 197 -32.58 -3.49 -3.03
C THR C 197 -31.63 -2.75 -2.11
N HIS C 198 -31.97 -1.50 -1.82
CA HIS C 198 -31.13 -0.63 -1.03
C HIS C 198 -31.95 0.11 0.04
N LYS C 199 -31.28 0.62 1.06
CA LYS C 199 -31.94 1.29 2.18
C LYS C 199 -32.69 2.54 1.74
N THR C 200 -32.31 3.08 0.59
CA THR C 200 -32.88 4.33 0.10
C THR C 200 -34.32 4.21 -0.38
N SER C 201 -34.78 2.99 -0.63
CA SER C 201 -36.14 2.77 -1.11
C SER C 201 -36.72 1.45 -0.63
N THR C 202 -38.03 1.40 -0.46
CA THR C 202 -38.72 0.17 -0.05
C THR C 202 -38.87 -0.74 -1.26
N SER C 203 -39.04 -0.14 -2.43
CA SER C 203 -39.19 -0.87 -3.67
C SER C 203 -37.87 -0.99 -4.42
N PRO C 204 -37.57 -2.20 -4.93
CA PRO C 204 -36.30 -2.48 -5.60
C PRO C 204 -36.17 -1.75 -6.92
N ILE C 205 -34.96 -1.32 -7.26
CA ILE C 205 -34.68 -0.81 -8.60
C ILE C 205 -34.49 -1.98 -9.54
N VAL C 206 -35.33 -2.05 -10.57
CA VAL C 206 -35.37 -3.20 -11.45
C VAL C 206 -34.88 -2.85 -12.85
N LYS C 207 -33.94 -3.61 -13.37
CA LYS C 207 -33.46 -3.40 -14.73
C LYS C 207 -33.49 -4.71 -15.51
N SER C 208 -34.00 -4.67 -16.72
CA SER C 208 -34.20 -5.89 -17.50
C SER C 208 -33.78 -5.72 -18.95
N PHE C 209 -33.60 -6.85 -19.62
CA PHE C 209 -33.49 -6.86 -21.07
C PHE C 209 -34.01 -8.18 -21.62
N ASN C 210 -34.27 -8.22 -22.92
CA ASN C 210 -34.73 -9.42 -23.59
C ASN C 210 -33.77 -9.76 -24.73
N ARG C 211 -33.55 -11.05 -24.97
CA ARG C 211 -32.69 -11.48 -26.06
C ARG C 211 -33.20 -11.03 -27.42
N ASN C 212 -34.52 -10.92 -27.57
CA ASN C 212 -35.13 -10.57 -28.86
C ASN C 212 -34.81 -9.17 -29.38
N GLU C 213 -34.33 -8.29 -28.51
CA GLU C 213 -34.01 -6.92 -28.92
C GLU C 213 -32.74 -6.89 -29.77
#